data_4ZAF
#
_entry.id   4ZAF
#
_cell.length_a   141.900
_cell.length_b   141.900
_cell.length_c   141.900
_cell.angle_alpha   90.00
_cell.angle_beta   90.00
_cell.angle_gamma   90.00
#
_symmetry.space_group_name_H-M   'F 2 3'
#
loop_
_entity.id
_entity.type
_entity.pdbx_description
1 polymer 'Probable aromatic acid decarboxylase'
2 non-polymer 'Dimethylallyl monophosphate'
3 non-polymer 'FLAVIN MONONUCLEOTIDE'
4 non-polymer 'THIOCYANATE ION'
5 non-polymer 'POTASSIUM ION'
6 water water
#
_entity_poly.entity_id   1
_entity_poly.type   'polypeptide(L)'
_entity_poly.pdbx_seq_one_letter_code
;MSGPERITLAMTGASGAQYGLRLLDCLVQEEREVHFLISKAAQLVMATETDVALPAKPQAMQAFLTEYCGAAAGQIRVFG
QNDWMAPPASGSSAPNAMVICPCSTGTLSAVATGACNNLIERAADVALKERRPLVLVPREAPFSSIHLENMLKLSNLGAV
ILPAAPGFYHQPQSVEDLVDFVVARILNTLGIPQDMLPRWGEQHLVSDE
;
_entity_poly.pdbx_strand_id   A
#
loop_
_chem_comp.id
_chem_comp.type
_chem_comp.name
_chem_comp.formula
4LR non-polymer 'Dimethylallyl monophosphate' 'C5 H11 O4 P'
FMN non-polymer 'FLAVIN MONONUCLEOTIDE' 'C17 H21 N4 O9 P'
K non-polymer 'POTASSIUM ION' 'K 1'
SCN non-polymer 'THIOCYANATE ION' 'C N S -1'
#
# COMPACT_ATOMS: atom_id res chain seq x y z
N MET A 1 -14.15 -9.18 13.03
CA MET A 1 -13.11 -8.14 12.83
C MET A 1 -13.67 -6.93 12.03
N SER A 2 -13.16 -5.77 12.36
CA SER A 2 -13.48 -4.58 11.62
C SER A 2 -12.46 -4.48 10.47
N GLY A 3 -12.99 -4.17 9.31
CA GLY A 3 -12.16 -3.95 8.15
C GLY A 3 -11.95 -5.18 7.35
N PRO A 4 -11.23 -5.06 6.25
CA PRO A 4 -11.08 -6.20 5.37
C PRO A 4 -10.19 -7.32 5.89
N GLU A 5 -10.59 -8.55 5.56
CA GLU A 5 -9.78 -9.73 5.88
C GLU A 5 -8.57 -9.88 5.03
N ARG A 6 -8.63 -9.43 3.77
CA ARG A 6 -7.55 -9.54 2.80
C ARG A 6 -7.21 -8.17 2.22
N ILE A 7 -5.95 -7.88 2.23
CA ILE A 7 -5.44 -6.61 1.60
C ILE A 7 -4.43 -7.00 0.55
N THR A 8 -4.59 -6.45 -0.66
CA THR A 8 -3.53 -6.47 -1.64
C THR A 8 -2.61 -5.27 -1.38
N LEU A 9 -1.34 -5.53 -1.05
CA LEU A 9 -0.38 -4.50 -0.75
C LEU A 9 0.63 -4.49 -1.86
N ALA A 10 0.66 -3.41 -2.67
CA ALA A 10 1.59 -3.25 -3.75
C ALA A 10 2.57 -2.18 -3.44
N MET A 11 3.84 -2.48 -3.52
CA MET A 11 4.92 -1.51 -3.37
C MET A 11 5.48 -1.17 -4.73
N THR A 12 5.48 0.13 -5.03
CA THR A 12 6.05 0.60 -6.25
C THR A 12 7.22 1.57 -5.98
N GLY A 13 7.91 1.99 -7.01
CA GLY A 13 9.21 2.60 -6.87
C GLY A 13 9.28 4.09 -6.53
N ALA A 14 8.42 4.55 -5.63
CA ALA A 14 8.60 5.86 -5.03
C ALA A 14 9.44 5.63 -3.77
N SER A 15 10.09 6.70 -3.38
CA SER A 15 10.79 6.76 -2.11
C SER A 15 9.76 6.58 -1.04
N GLY A 16 10.12 5.89 0.00
CA GLY A 16 9.26 5.61 1.14
C GLY A 16 8.99 4.14 1.37
N ALA A 17 9.96 3.30 1.01
CA ALA A 17 9.83 1.87 1.23
C ALA A 17 9.52 1.57 2.69
N GLN A 18 10.04 2.38 3.61
CA GLN A 18 9.65 2.20 5.02
C GLN A 18 8.17 2.20 5.29
N TYR A 19 7.40 3.02 4.56
CA TYR A 19 5.99 3.01 4.78
C TYR A 19 5.35 1.67 4.44
N GLY A 20 5.72 1.11 3.31
CA GLY A 20 5.17 -0.16 2.85
C GLY A 20 5.58 -1.33 3.79
N LEU A 21 6.79 -1.32 4.26
CA LEU A 21 7.22 -2.41 5.16
C LEU A 21 6.51 -2.31 6.52
N ARG A 22 6.34 -1.09 7.05
CA ARG A 22 5.65 -0.90 8.30
C ARG A 22 4.19 -1.24 8.16
N LEU A 23 3.54 -0.83 7.04
CA LEU A 23 2.15 -1.22 6.86
C LEU A 23 1.98 -2.78 6.79
N LEU A 24 2.92 -3.45 6.15
CA LEU A 24 2.90 -4.88 6.00
C LEU A 24 2.96 -5.49 7.38
N ASP A 25 3.84 -4.95 8.19
CA ASP A 25 4.01 -5.45 9.58
C ASP A 25 2.76 -5.25 10.40
N CYS A 26 2.13 -4.06 10.34
CA CYS A 26 0.87 -3.84 11.01
C CYS A 26 -0.23 -4.70 10.54
N LEU A 27 -0.31 -4.92 9.22
CA LEU A 27 -1.41 -5.78 8.69
C LEU A 27 -1.25 -7.23 9.23
N VAL A 28 -0.01 -7.67 9.27
CA VAL A 28 0.30 -9.03 9.76
C VAL A 28 -0.11 -9.10 11.23
N GLN A 29 0.27 -8.09 12.02
CA GLN A 29 -0.11 -8.09 13.44
C GLN A 29 -1.59 -8.04 13.67
N GLU A 30 -2.38 -7.51 12.71
CA GLU A 30 -3.80 -7.52 12.79
C GLU A 30 -4.47 -8.77 12.20
N GLU A 31 -3.68 -9.79 11.92
CA GLU A 31 -4.12 -11.08 11.45
C GLU A 31 -4.79 -11.04 10.13
N ARG A 32 -4.35 -10.11 9.27
CA ARG A 32 -4.90 -10.05 7.94
C ARG A 32 -4.08 -10.84 6.99
N GLU A 33 -4.77 -11.28 5.96
CA GLU A 33 -4.14 -11.98 4.86
C GLU A 33 -3.65 -10.88 3.87
N VAL A 34 -2.41 -10.97 3.47
CA VAL A 34 -1.82 -9.93 2.56
C VAL A 34 -1.40 -10.57 1.24
N HIS A 35 -1.83 -9.97 0.11
CA HIS A 35 -1.38 -10.39 -1.18
C HIS A 35 -0.38 -9.39 -1.61
N PHE A 36 0.88 -9.73 -1.55
CA PHE A 36 1.96 -8.77 -1.68
C PHE A 36 2.52 -8.75 -3.07
N LEU A 37 2.62 -7.55 -3.69
CA LEU A 37 3.18 -7.32 -5.00
C LEU A 37 4.24 -6.21 -4.89
N ILE A 38 5.33 -6.34 -5.63
CA ILE A 38 6.36 -5.38 -5.64
C ILE A 38 6.96 -5.22 -6.99
N SER A 39 7.15 -3.96 -7.45
CA SER A 39 7.69 -3.72 -8.74
C SER A 39 9.19 -3.83 -8.75
N LYS A 40 9.77 -3.99 -9.93
CA LYS A 40 11.23 -4.02 -10.01
C LYS A 40 11.86 -2.76 -9.49
N ALA A 41 11.31 -1.58 -9.86
CA ALA A 41 11.86 -0.36 -9.31
C ALA A 41 11.74 -0.27 -7.78
N ALA A 42 10.63 -0.74 -7.18
CA ALA A 42 10.47 -0.76 -5.76
C ALA A 42 11.56 -1.66 -5.09
N GLN A 43 11.93 -2.76 -5.76
CA GLN A 43 13.06 -3.54 -5.25
C GLN A 43 14.32 -2.71 -5.17
N LEU A 44 14.60 -1.87 -6.17
N LEU A 44 14.60 -1.86 -6.15
CA LEU A 44 15.78 -1.02 -6.17
CA LEU A 44 15.79 -1.05 -6.06
C LEU A 44 15.67 0.06 -5.10
C LEU A 44 15.65 0.00 -4.98
N VAL A 45 14.47 0.64 -4.89
CA VAL A 45 14.26 1.58 -3.81
C VAL A 45 14.55 0.91 -2.45
N MET A 46 14.05 -0.32 -2.24
CA MET A 46 14.18 -0.95 -0.93
C MET A 46 15.70 -1.20 -0.64
N ALA A 47 16.41 -1.56 -1.68
CA ALA A 47 17.88 -1.83 -1.56
C ALA A 47 18.65 -0.55 -1.20
N THR A 48 18.23 0.59 -1.75
CA THR A 48 18.83 1.93 -1.52
C THR A 48 18.48 2.55 -0.20
N GLU A 49 17.26 2.43 0.27
CA GLU A 49 16.79 3.19 1.39
C GLU A 49 16.75 2.41 2.65
N THR A 50 16.90 1.09 2.59
CA THR A 50 16.74 0.27 3.81
C THR A 50 17.84 -0.74 3.87
N ASP A 51 17.93 -1.42 5.03
CA ASP A 51 18.88 -2.59 5.11
CA ASP A 51 18.81 -2.58 5.30
C ASP A 51 18.13 -3.92 5.00
N VAL A 52 16.96 -3.91 4.37
CA VAL A 52 16.24 -5.16 4.16
C VAL A 52 16.75 -5.77 2.91
N ALA A 53 17.24 -7.00 3.01
CA ALA A 53 17.81 -7.71 1.87
C ALA A 53 16.76 -8.67 1.29
N LEU A 54 15.91 -8.11 0.44
CA LEU A 54 14.80 -8.81 -0.04
C LEU A 54 15.14 -9.66 -1.18
N PRO A 55 14.85 -10.97 -1.11
CA PRO A 55 15.09 -11.81 -2.26
C PRO A 55 14.28 -11.44 -3.47
N ALA A 56 14.77 -11.81 -4.64
CA ALA A 56 14.20 -11.32 -5.88
C ALA A 56 12.96 -12.07 -6.37
N LYS A 57 12.98 -13.37 -6.22
CA LYS A 57 11.94 -14.29 -6.78
C LYS A 57 10.80 -14.47 -5.77
N PRO A 58 9.54 -14.62 -6.24
CA PRO A 58 8.39 -14.65 -5.33
C PRO A 58 8.45 -15.68 -4.22
N GLN A 59 8.85 -16.94 -4.45
N GLN A 59 8.93 -16.86 -4.57
CA GLN A 59 8.81 -17.91 -3.31
CA GLN A 59 8.95 -17.96 -3.65
C GLN A 59 9.85 -17.54 -2.27
C GLN A 59 9.82 -17.63 -2.43
N ALA A 60 11.06 -17.25 -2.72
CA ALA A 60 12.04 -16.76 -1.74
C ALA A 60 11.65 -15.47 -1.02
N MET A 61 11.03 -14.57 -1.78
CA MET A 61 10.52 -13.35 -1.14
C MET A 61 9.44 -13.64 -0.08
N GLN A 62 8.51 -14.56 -0.41
CA GLN A 62 7.50 -14.95 0.54
C GLN A 62 8.05 -15.54 1.82
N ALA A 63 8.98 -16.47 1.66
CA ALA A 63 9.63 -17.03 2.87
C ALA A 63 10.32 -15.97 3.74
N PHE A 64 11.05 -15.08 3.06
CA PHE A 64 11.71 -13.98 3.73
C PHE A 64 10.78 -13.04 4.46
N LEU A 65 9.71 -12.57 3.80
CA LEU A 65 8.79 -11.68 4.47
C LEU A 65 7.99 -12.33 5.62
N THR A 66 7.67 -13.61 5.45
CA THR A 66 6.97 -14.33 6.53
C THR A 66 7.79 -14.32 7.80
N GLU A 67 9.07 -14.53 7.64
CA GLU A 67 10.04 -14.50 8.78
C GLU A 67 10.20 -13.05 9.30
N TYR A 68 10.44 -12.10 8.39
CA TYR A 68 10.66 -10.70 8.77
C TYR A 68 9.55 -10.19 9.57
N CYS A 69 8.31 -10.55 9.23
CA CYS A 69 7.13 -10.05 9.92
C CYS A 69 6.57 -10.89 11.04
N GLY A 70 7.06 -12.10 11.21
CA GLY A 70 6.42 -12.91 12.24
C GLY A 70 5.06 -13.41 11.79
N ALA A 71 4.93 -13.61 10.47
CA ALA A 71 3.63 -14.00 9.93
C ALA A 71 3.41 -15.51 10.04
N ALA A 72 2.14 -15.90 10.01
CA ALA A 72 1.75 -17.32 9.85
C ALA A 72 1.96 -17.83 8.46
N ALA A 73 2.12 -19.19 8.27
CA ALA A 73 2.34 -19.80 6.98
C ALA A 73 1.08 -19.47 6.20
N GLY A 74 1.26 -19.01 5.00
CA GLY A 74 0.10 -18.71 4.17
C GLY A 74 -0.51 -17.33 4.38
N GLN A 75 -0.05 -16.58 5.35
CA GLN A 75 -0.68 -15.33 5.66
C GLN A 75 -0.23 -14.25 4.64
N ILE A 76 1.02 -14.29 4.20
CA ILE A 76 1.54 -13.39 3.15
C ILE A 76 1.64 -14.22 1.91
N ARG A 77 0.87 -13.84 0.90
N ARG A 77 0.97 -13.80 0.84
CA ARG A 77 1.09 -14.41 -0.40
CA ARG A 77 0.98 -14.54 -0.41
C ARG A 77 1.96 -13.41 -1.18
C ARG A 77 1.60 -13.62 -1.47
N VAL A 78 2.83 -13.92 -1.97
CA VAL A 78 3.55 -13.08 -2.90
C VAL A 78 3.27 -13.52 -4.30
N PHE A 79 2.97 -12.54 -5.16
CA PHE A 79 2.72 -12.85 -6.58
C PHE A 79 3.62 -12.02 -7.47
N GLY A 80 4.15 -12.63 -8.52
CA GLY A 80 5.06 -11.96 -9.41
C GLY A 80 4.29 -11.00 -10.37
N GLN A 81 5.02 -10.24 -11.15
CA GLN A 81 4.44 -9.07 -11.87
C GLN A 81 3.66 -9.46 -13.11
N ASN A 82 3.75 -10.73 -13.57
CA ASN A 82 2.93 -11.22 -14.64
C ASN A 82 2.12 -12.41 -14.29
N ASP A 83 1.85 -12.61 -13.00
CA ASP A 83 1.12 -13.80 -12.59
C ASP A 83 -0.39 -13.60 -12.63
N TRP A 84 -0.97 -13.74 -13.82
CA TRP A 84 -2.39 -13.55 -14.03
C TRP A 84 -3.27 -14.62 -13.37
N MET A 85 -2.67 -15.70 -12.89
CA MET A 85 -3.42 -16.71 -12.12
C MET A 85 -3.64 -16.34 -10.66
N ALA A 86 -3.06 -15.23 -10.19
CA ALA A 86 -3.24 -14.71 -8.85
C ALA A 86 -4.57 -14.01 -8.67
N PRO A 87 -5.12 -14.06 -7.47
CA PRO A 87 -6.49 -13.50 -7.24
C PRO A 87 -6.68 -12.06 -7.67
N PRO A 88 -5.70 -11.22 -7.42
CA PRO A 88 -5.90 -9.78 -7.79
C PRO A 88 -6.09 -9.49 -9.24
N ALA A 89 -5.78 -10.43 -10.13
CA ALA A 89 -5.89 -10.19 -11.58
C ALA A 89 -7.35 -10.23 -12.09
N SER A 90 -8.28 -10.80 -11.30
CA SER A 90 -9.68 -11.00 -11.68
C SER A 90 -10.65 -10.47 -10.68
N GLY A 91 -11.71 -9.83 -11.21
CA GLY A 91 -12.76 -9.41 -10.34
C GLY A 91 -13.62 -10.55 -9.81
N SER A 92 -13.45 -11.77 -10.34
CA SER A 92 -14.16 -12.90 -9.77
C SER A 92 -13.45 -13.45 -8.55
N SER A 93 -12.28 -12.90 -8.20
CA SER A 93 -11.63 -13.22 -6.93
C SER A 93 -12.43 -12.83 -5.70
N ALA A 94 -12.10 -13.45 -4.57
CA ALA A 94 -12.60 -13.00 -3.32
C ALA A 94 -12.20 -11.54 -3.12
N PRO A 95 -13.08 -10.78 -2.42
CA PRO A 95 -12.77 -9.34 -2.34
C PRO A 95 -11.65 -9.01 -1.35
N ASN A 96 -10.80 -8.11 -1.81
CA ASN A 96 -9.66 -7.58 -1.07
C ASN A 96 -9.77 -6.04 -1.09
N ALA A 97 -9.21 -5.37 -0.08
CA ALA A 97 -8.88 -3.91 -0.20
C ALA A 97 -7.50 -3.82 -0.81
N MET A 98 -7.19 -2.79 -1.62
CA MET A 98 -5.87 -2.66 -2.17
C MET A 98 -5.25 -1.35 -1.78
N VAL A 99 -3.99 -1.41 -1.41
CA VAL A 99 -3.20 -0.26 -1.12
C VAL A 99 -1.92 -0.34 -1.94
N ILE A 100 -1.60 0.79 -2.62
CA ILE A 100 -0.34 0.97 -3.32
C ILE A 100 0.53 1.97 -2.49
N CYS A 101 1.55 1.45 -1.78
CA CYS A 101 2.29 2.18 -0.80
C CYS A 101 3.73 1.73 -0.80
N PRO A 102 4.64 2.55 -1.25
CA PRO A 102 4.37 3.84 -1.84
C PRO A 102 3.92 3.69 -3.31
N CYS A 103 3.35 4.78 -3.83
CA CYS A 103 2.83 4.78 -5.21
C CYS A 103 3.69 5.76 -6.02
N SER A 104 4.42 5.24 -6.96
CA SER A 104 5.18 6.08 -7.88
C SER A 104 4.25 6.89 -8.78
N THR A 105 4.81 7.97 -9.38
CA THR A 105 4.01 8.79 -10.31
C THR A 105 3.67 7.91 -11.53
N GLY A 106 4.58 6.99 -11.90
CA GLY A 106 4.29 6.11 -13.04
C GLY A 106 3.20 5.13 -12.79
N THR A 107 3.12 4.58 -11.58
CA THR A 107 2.01 3.74 -11.23
C THR A 107 0.71 4.48 -11.09
N LEU A 108 0.78 5.67 -10.51
CA LEU A 108 -0.39 6.59 -10.47
C LEU A 108 -0.97 6.82 -11.88
N SER A 109 -0.08 7.12 -12.80
CA SER A 109 -0.46 7.32 -14.22
C SER A 109 -1.14 6.10 -14.83
N ALA A 110 -0.50 4.96 -14.66
CA ALA A 110 -1.06 3.70 -15.21
C ALA A 110 -2.42 3.39 -14.66
N VAL A 111 -2.60 3.62 -13.35
CA VAL A 111 -3.93 3.38 -12.76
C VAL A 111 -4.93 4.36 -13.28
N ALA A 112 -4.57 5.62 -13.39
CA ALA A 112 -5.50 6.64 -13.88
C ALA A 112 -5.90 6.41 -15.34
N THR A 113 -4.99 5.88 -16.17
CA THR A 113 -5.28 5.69 -17.62
C THR A 113 -5.81 4.32 -17.92
N GLY A 114 -5.71 3.38 -16.96
CA GLY A 114 -6.09 1.97 -17.16
C GLY A 114 -5.07 1.08 -17.84
N ALA A 115 -3.82 1.58 -17.93
N ALA A 115 -3.75 1.34 -17.72
CA ALA A 115 -2.77 0.82 -18.51
CA ALA A 115 -2.77 0.63 -18.56
C ALA A 115 -2.69 -0.43 -17.64
C ALA A 115 -2.69 -0.92 -18.35
N CYS A 116 -2.49 -1.58 -18.23
N CYS A 116 -2.95 -1.39 -17.14
CA CYS A 116 -2.64 -2.76 -17.37
CA CYS A 116 -2.74 -2.85 -16.91
C CYS A 116 -1.48 -3.63 -17.44
C CYS A 116 -1.50 -3.52 -17.58
N ASN A 117 -0.28 -2.99 -17.43
CA ASN A 117 0.93 -3.62 -17.87
C ASN A 117 1.65 -4.63 -16.96
N ASN A 118 1.20 -4.74 -15.74
CA ASN A 118 1.74 -5.72 -14.82
C ASN A 118 0.63 -6.01 -13.85
N LEU A 119 0.86 -6.91 -12.93
CA LEU A 119 -0.23 -7.29 -11.99
C LEU A 119 -0.68 -6.20 -10.99
N ILE A 120 0.23 -5.29 -10.65
CA ILE A 120 -0.15 -4.21 -9.78
C ILE A 120 -1.19 -3.36 -10.52
N GLU A 121 -0.87 -3.00 -11.75
CA GLU A 121 -1.78 -2.13 -12.53
C GLU A 121 -3.11 -2.80 -12.83
N ARG A 122 -3.07 -4.08 -13.15
CA ARG A 122 -4.28 -4.82 -13.39
C ARG A 122 -5.07 -4.95 -12.11
N ALA A 123 -4.39 -5.19 -11.02
CA ALA A 123 -5.10 -5.33 -9.75
C ALA A 123 -5.89 -4.05 -9.38
N ALA A 124 -5.26 -2.89 -9.64
CA ALA A 124 -5.90 -1.64 -9.37
C ALA A 124 -7.11 -1.41 -10.29
N ASP A 125 -6.96 -1.82 -11.55
CA ASP A 125 -8.04 -1.75 -12.57
C ASP A 125 -9.21 -2.59 -12.11
N VAL A 126 -8.90 -3.76 -11.53
CA VAL A 126 -9.97 -4.65 -11.04
C VAL A 126 -10.63 -4.03 -9.79
N ALA A 127 -9.86 -3.43 -8.91
CA ALA A 127 -10.44 -2.85 -7.71
C ALA A 127 -11.46 -1.76 -8.12
N LEU A 128 -11.06 -0.93 -9.09
CA LEU A 128 -11.95 0.13 -9.51
C LEU A 128 -13.22 -0.43 -10.16
N LYS A 129 -13.11 -1.39 -11.06
CA LYS A 129 -14.29 -1.91 -11.72
C LYS A 129 -15.27 -2.66 -10.82
N GLU A 130 -14.70 -3.26 -9.77
CA GLU A 130 -15.48 -3.97 -8.76
C GLU A 130 -15.93 -3.12 -7.58
N ARG A 131 -15.57 -1.84 -7.58
N ARG A 131 -15.55 -1.84 -7.56
CA ARG A 131 -15.82 -0.94 -6.47
CA ARG A 131 -15.87 -0.93 -6.47
C ARG A 131 -15.38 -1.57 -5.13
C ARG A 131 -15.30 -1.40 -5.10
N ARG A 132 -14.16 -2.09 -5.15
CA ARG A 132 -13.41 -2.50 -3.97
C ARG A 132 -12.43 -1.40 -3.58
N PRO A 133 -12.11 -1.29 -2.30
CA PRO A 133 -11.24 -0.23 -1.84
C PRO A 133 -9.92 -0.18 -2.56
N LEU A 134 -9.50 1.06 -2.88
CA LEU A 134 -8.23 1.32 -3.55
C LEU A 134 -7.67 2.57 -2.92
N VAL A 135 -6.51 2.43 -2.29
CA VAL A 135 -5.78 3.51 -1.63
C VAL A 135 -4.42 3.66 -2.27
N LEU A 136 -4.13 4.88 -2.76
CA LEU A 136 -2.83 5.18 -3.33
C LEU A 136 -2.08 6.08 -2.42
N VAL A 137 -0.80 5.82 -2.23
CA VAL A 137 0.03 6.61 -1.31
C VAL A 137 1.16 7.18 -2.14
N PRO A 138 0.89 8.26 -2.85
CA PRO A 138 2.02 8.89 -3.60
C PRO A 138 3.06 9.59 -2.76
N ARG A 139 4.28 9.51 -3.25
CA ARG A 139 5.41 10.25 -2.62
C ARG A 139 6.17 10.99 -3.71
N GLU A 140 5.94 12.28 -3.80
CA GLU A 140 6.53 13.08 -4.86
C GLU A 140 6.43 14.52 -4.41
N ALA A 141 7.38 15.36 -4.84
CA ALA A 141 7.28 16.78 -4.68
C ALA A 141 8.25 17.48 -5.60
N PRO A 142 7.85 18.55 -6.26
CA PRO A 142 6.45 19.02 -6.40
C PRO A 142 5.60 18.02 -7.09
N PHE A 143 4.28 18.14 -6.94
CA PHE A 143 3.36 17.43 -7.82
C PHE A 143 3.15 18.28 -9.04
N SER A 144 3.37 17.78 -10.24
CA SER A 144 2.98 18.54 -11.43
C SER A 144 1.46 18.42 -11.74
N SER A 145 1.01 19.20 -12.74
CA SER A 145 -0.36 19.12 -13.18
C SER A 145 -0.70 17.74 -13.72
N ILE A 146 0.28 17.05 -14.28
CA ILE A 146 0.10 15.66 -14.73
CA ILE A 146 -0.05 15.68 -14.73
C ILE A 146 -0.34 14.77 -13.54
N HIS A 147 0.49 14.84 -12.51
CA HIS A 147 0.24 14.11 -11.29
C HIS A 147 -1.13 14.46 -10.73
N LEU A 148 -1.41 15.75 -10.62
CA LEU A 148 -2.63 16.18 -9.97
C LEU A 148 -3.89 15.76 -10.74
N GLU A 149 -3.85 15.87 -12.07
CA GLU A 149 -4.99 15.40 -12.88
C GLU A 149 -5.25 13.91 -12.71
N ASN A 150 -4.17 13.12 -12.65
CA ASN A 150 -4.28 11.67 -12.46
C ASN A 150 -4.89 11.37 -11.05
N MET A 151 -4.41 12.09 -10.03
CA MET A 151 -4.98 11.90 -8.69
C MET A 151 -6.45 12.33 -8.62
N LEU A 152 -6.79 13.43 -9.26
CA LEU A 152 -8.15 13.92 -9.24
C LEU A 152 -9.09 12.95 -9.93
N LYS A 153 -8.69 12.44 -11.09
CA LYS A 153 -9.54 11.49 -11.82
C LYS A 153 -9.85 10.30 -10.91
N LEU A 154 -8.83 9.74 -10.28
CA LEU A 154 -9.05 8.57 -9.43
C LEU A 154 -9.79 8.83 -8.14
N SER A 155 -9.50 9.98 -7.53
CA SER A 155 -10.30 10.43 -6.38
C SER A 155 -11.80 10.61 -6.72
N ASN A 156 -12.09 11.15 -7.89
CA ASN A 156 -13.46 11.30 -8.33
C ASN A 156 -14.13 9.98 -8.53
N LEU A 157 -13.37 8.92 -8.78
CA LEU A 157 -13.92 7.55 -8.99
C LEU A 157 -13.94 6.75 -7.76
N GLY A 158 -13.56 7.34 -6.63
CA GLY A 158 -13.71 6.76 -5.32
C GLY A 158 -12.40 6.11 -4.72
N ALA A 159 -11.31 6.18 -5.43
CA ALA A 159 -9.99 5.87 -4.88
C ALA A 159 -9.61 6.87 -3.82
N VAL A 160 -8.85 6.44 -2.81
CA VAL A 160 -8.40 7.38 -1.79
C VAL A 160 -6.97 7.75 -2.08
N ILE A 161 -6.72 9.05 -2.28
CA ILE A 161 -5.38 9.56 -2.53
C ILE A 161 -4.81 10.03 -1.22
N LEU A 162 -3.85 9.29 -0.69
CA LEU A 162 -3.34 9.51 0.64
C LEU A 162 -1.87 9.77 0.54
N PRO A 163 -1.45 11.05 0.34
CA PRO A 163 -0.07 11.34 0.18
CA PRO A 163 -0.04 11.22 0.17
C PRO A 163 0.75 10.99 1.43
N ALA A 164 2.02 10.66 1.22
CA ALA A 164 2.95 10.40 2.30
C ALA A 164 3.42 11.68 2.91
N ALA A 165 2.47 12.33 3.56
CA ALA A 165 2.61 13.67 4.09
C ALA A 165 2.25 13.63 5.58
N PRO A 166 3.21 13.21 6.41
CA PRO A 166 2.85 13.03 7.83
C PRO A 166 2.58 14.36 8.55
N GLY A 167 1.75 14.29 9.58
CA GLY A 167 1.46 15.38 10.49
C GLY A 167 2.39 15.35 11.66
N PHE A 168 2.40 16.48 12.35
CA PHE A 168 3.33 16.72 13.46
C PHE A 168 2.56 17.02 14.70
N TYR A 169 1.23 16.85 14.70
CA TYR A 169 0.47 17.32 15.82
C TYR A 169 0.45 16.33 16.99
N HIS A 170 1.09 15.19 16.87
CA HIS A 170 1.39 14.39 18.05
C HIS A 170 2.90 14.38 18.43
N GLN A 171 3.56 15.51 18.18
CA GLN A 171 4.97 15.72 18.57
C GLN A 171 5.86 14.46 18.28
N PRO A 172 6.05 14.17 17.00
CA PRO A 172 6.88 13.06 16.65
C PRO A 172 8.33 13.31 17.08
N GLN A 173 8.94 12.26 17.54
CA GLN A 173 10.33 12.27 18.05
C GLN A 173 11.32 11.54 17.20
N SER A 174 10.87 10.80 16.20
CA SER A 174 11.75 10.00 15.38
C SER A 174 11.18 9.85 13.97
N VAL A 175 12.02 9.41 13.07
CA VAL A 175 11.55 9.03 11.71
C VAL A 175 10.44 7.99 11.84
N GLU A 176 10.61 6.98 12.72
CA GLU A 176 9.56 6.02 12.90
C GLU A 176 8.23 6.58 13.28
N ASP A 177 8.18 7.59 14.11
CA ASP A 177 6.90 8.17 14.47
C ASP A 177 6.19 8.83 13.24
N LEU A 178 6.94 9.42 12.34
CA LEU A 178 6.39 9.96 11.10
C LEU A 178 5.90 8.87 10.16
N VAL A 179 6.67 7.81 10.01
CA VAL A 179 6.24 6.62 9.25
C VAL A 179 4.97 6.10 9.83
N ASP A 180 4.89 5.92 11.17
CA ASP A 180 3.71 5.39 11.75
C ASP A 180 2.46 6.29 11.63
N PHE A 181 2.69 7.60 11.53
CA PHE A 181 1.56 8.51 11.28
C PHE A 181 0.85 8.12 9.94
N VAL A 182 1.63 8.00 8.90
CA VAL A 182 1.08 7.70 7.57
C VAL A 182 0.43 6.32 7.59
N VAL A 183 1.12 5.35 8.21
CA VAL A 183 0.57 4.01 8.28
C VAL A 183 -0.74 4.00 9.01
N ALA A 184 -0.83 4.74 10.13
CA ALA A 184 -2.06 4.84 10.85
C ALA A 184 -3.23 5.40 10.04
N ARG A 185 -2.94 6.35 9.21
N ARG A 185 -2.90 6.37 9.22
CA ARG A 185 -4.01 6.94 8.41
CA ARG A 185 -3.88 6.97 8.33
C ARG A 185 -4.47 5.97 7.36
C ARG A 185 -4.46 5.97 7.39
N ILE A 186 -3.57 5.15 6.84
CA ILE A 186 -3.95 4.10 5.85
C ILE A 186 -4.84 3.07 6.53
N LEU A 187 -4.43 2.61 7.73
CA LEU A 187 -5.26 1.66 8.46
C LEU A 187 -6.64 2.25 8.84
N ASN A 188 -6.68 3.53 9.25
CA ASN A 188 -7.90 4.26 9.49
C ASN A 188 -8.78 4.20 8.22
N THR A 189 -8.18 4.50 7.09
CA THR A 189 -8.91 4.53 5.80
C THR A 189 -9.50 3.18 5.48
N LEU A 190 -8.74 2.15 5.78
CA LEU A 190 -9.19 0.77 5.53
C LEU A 190 -10.19 0.26 6.58
N GLY A 191 -10.34 0.97 7.68
CA GLY A 191 -11.20 0.50 8.79
C GLY A 191 -10.55 -0.59 9.67
N ILE A 192 -9.24 -0.63 9.72
CA ILE A 192 -8.46 -1.60 10.50
C ILE A 192 -7.99 -0.89 11.77
N PRO A 193 -8.15 -1.55 12.96
CA PRO A 193 -7.70 -0.90 14.21
C PRO A 193 -6.28 -0.60 14.26
N GLN A 194 -5.98 0.54 14.86
CA GLN A 194 -4.60 0.90 15.09
C GLN A 194 -4.54 1.77 16.35
N ASP A 195 -3.41 1.69 17.03
CA ASP A 195 -3.25 2.51 18.24
C ASP A 195 -2.01 3.37 18.19
N MET A 196 -1.46 3.57 17.02
CA MET A 196 -0.33 4.44 16.83
C MET A 196 -0.74 5.92 16.91
N LEU A 197 -1.92 6.25 16.34
CA LEU A 197 -2.39 7.63 16.30
C LEU A 197 -3.71 7.75 17.04
N PRO A 198 -3.73 8.50 18.17
CA PRO A 198 -4.97 8.63 18.98
C PRO A 198 -6.10 9.24 18.16
N ARG A 199 -7.31 9.01 18.62
CA ARG A 199 -8.47 9.69 18.01
C ARG A 199 -8.57 11.10 18.44
N TRP A 200 -8.34 12.05 17.53
CA TRP A 200 -8.32 13.43 17.87
C TRP A 200 -9.56 13.94 18.61
N GLY A 201 -9.34 14.67 19.75
CA GLY A 201 -10.41 15.25 20.49
C GLY A 201 -11.41 14.33 21.16
N GLU A 202 -11.12 13.04 21.22
CA GLU A 202 -12.07 12.04 21.70
C GLU A 202 -12.51 12.39 23.10
N GLN A 203 -11.60 12.97 23.85
CA GLN A 203 -11.88 13.32 25.24
C GLN A 203 -12.26 14.75 25.46
N HIS A 204 -12.42 15.53 24.37
CA HIS A 204 -12.75 16.97 24.50
C HIS A 204 -14.32 17.15 24.52
N LEU A 205 -14.96 17.64 25.58
CA LEU A 205 -16.50 17.69 25.62
C LEU A 205 -17.13 19.03 25.16
N VAL A 206 -16.37 20.09 25.54
CA VAL A 206 -16.83 21.43 25.21
C VAL A 206 -15.71 22.44 25.24
N SER A 207 -15.86 23.43 24.37
CA SER A 207 -15.32 24.83 24.45
C SER A 207 -15.15 25.24 22.94
OAD 4LR B . -7.03 14.84 9.18
PAJ 4LR B . -5.86 15.74 9.51
OAE 4LR B . -5.74 16.85 8.40
OAC 4LR B . -4.51 15.13 9.64
OAH 4LR B . -6.23 16.60 10.82
CAG 4LR B . -5.33 17.68 11.08
CAF 4LR B . -6.19 18.71 11.82
CAI 4LR B . -6.18 18.77 13.32
CAB 4LR B . -5.26 17.88 14.14
CAA 4LR B . -7.13 19.76 13.98
N1 FMN C . -5.66 21.99 8.42
C2 FMN C . -5.06 21.39 7.30
O2 FMN C . -5.52 21.69 6.14
N3 FMN C . -4.06 20.51 7.40
C4 FMN C . -3.54 20.16 8.65
O4 FMN C . -2.57 19.37 8.73
C4A FMN C . -4.08 20.80 9.78
N5 FMN C . -3.53 20.47 11.02
C5A FMN C . -4.00 21.24 12.05
C6 FMN C . -3.39 21.02 13.30
C7 FMN C . -3.82 21.75 14.41
C7M FMN C . -3.20 21.48 15.71
C8 FMN C . -4.80 22.68 14.29
C8M FMN C . -5.27 23.42 15.43
C9 FMN C . -5.48 22.89 13.04
C9A FMN C . -5.06 22.16 11.91
N10 FMN C . -5.66 22.29 10.70
C10 FMN C . -5.14 21.71 9.67
C1' FMN C . -6.85 23.18 10.55
C2' FMN C . -6.82 24.61 10.22
O2' FMN C . -5.87 25.20 11.02
C3' FMN C . -8.14 25.19 9.91
O3' FMN C . -8.90 24.58 8.83
C4' FMN C . -7.95 26.66 9.67
O4' FMN C . -9.27 27.23 9.35
C5' FMN C . -6.91 27.04 8.67
O5' FMN C . -6.94 28.49 8.64
P FMN C . -5.75 29.30 7.93
O1P FMN C . -6.23 30.78 7.98
O2P FMN C . -4.41 29.08 8.64
O3P FMN C . -5.69 28.78 6.45
S SCN D . -14.16 -6.65 1.81
C SCN D . -15.60 -6.04 2.30
N SCN D . -16.61 -5.62 2.64
S SCN E . -20.04 7.23 10.39
C SCN E . -18.97 6.78 9.40
N SCN E . -18.04 6.38 8.54
S SCN F . -8.08 11.87 28.07
C SCN F . -7.72 12.51 26.61
N SCN F . -7.54 12.82 25.90
S SCN G . -20.99 -2.24 -6.14
C SCN G . -20.80 -0.89 -5.35
N SCN G . -20.67 0.10 -4.77
K K H . 7.75 -4.32 -12.71
#